data_2Q93
#
_entry.id   2Q93
#
_cell.length_a   39.107
_cell.length_b   62.340
_cell.length_c   52.441
_cell.angle_alpha   90.000
_cell.angle_beta   108.800
_cell.angle_gamma   90.000
#
_symmetry.space_group_name_H-M   'P 1 21 1'
#
loop_
_entity.id
_entity.type
_entity.pdbx_description
1 polymer 'Methionine aminopeptidase'
2 non-polymer 'MANGANESE (II) ION'
3 non-polymer 'SODIUM ION'
4 non-polymer '5-(2-METHOXYPHENYL)-2-FUROIC ACID'
5 water water
#
_entity_poly.entity_id   1
_entity_poly.type   'polypeptide(L)'
_entity_poly.pdbx_seq_one_letter_code
;AISIKTPEDIEKMRVAGRLAAEVLEMIEPYVKPGVSTGELDRICNDYIVNEQHAVSACLGYHGYPKSVCISINEVVCHGI
PDDAKLLKDGDIVNIDVTVIKDGFHGDTSKMFIVGKPTIMGERLCRITQESLYLALRMVKPGINLREIGAAIQKFVEAEG
FSVVREYCGHGIGRGFHEEPQVLHYDSRETNVVLKPGMTFTIEPMVNAGKKEIRTMKDGWTVKTKDRSLSAQYEHTIVVT
DNGCEILTLRKDDTIPAIISHDE
;
_entity_poly.pdbx_strand_id   A
#
loop_
_chem_comp.id
_chem_comp.type
_chem_comp.name
_chem_comp.formula
B21 non-polymer '5-(2-METHOXYPHENYL)-2-FUROIC ACID' 'C12 H10 O4'
MN non-polymer 'MANGANESE (II) ION' 'Mn 2'
NA non-polymer 'SODIUM ION' 'Na 1'
#
# COMPACT_ATOMS: atom_id res chain seq x y z
N ALA A 1 -14.50 0.99 -18.35
CA ALA A 1 -14.28 2.23 -17.57
C ALA A 1 -14.32 1.94 -16.07
N ILE A 2 -14.78 2.92 -15.29
CA ILE A 2 -14.86 2.77 -13.84
C ILE A 2 -15.97 1.79 -13.48
N SER A 3 -15.58 0.64 -12.93
CA SER A 3 -16.54 -0.39 -12.56
C SER A 3 -17.12 -0.23 -11.17
N ILE A 4 -18.39 -0.57 -11.06
CA ILE A 4 -19.10 -0.53 -9.78
C ILE A 4 -19.27 -2.00 -9.40
N LYS A 5 -18.66 -2.39 -8.29
CA LYS A 5 -18.76 -3.77 -7.85
C LYS A 5 -20.15 -4.09 -7.30
N THR A 6 -20.65 -5.27 -7.62
CA THR A 6 -21.95 -5.71 -7.13
C THR A 6 -21.75 -6.09 -5.66
N PRO A 7 -22.84 -6.19 -4.89
CA PRO A 7 -22.70 -6.55 -3.47
C PRO A 7 -21.95 -7.86 -3.30
N GLU A 8 -22.24 -8.83 -4.17
CA GLU A 8 -21.58 -10.13 -4.13
C GLU A 8 -20.08 -9.98 -4.33
N ASP A 9 -19.70 -9.17 -5.33
CA ASP A 9 -18.30 -8.96 -5.62
C ASP A 9 -17.63 -8.19 -4.49
N ILE A 10 -18.35 -7.27 -3.86
CA ILE A 10 -17.76 -6.52 -2.76
C ILE A 10 -17.45 -7.48 -1.63
N GLU A 11 -18.33 -8.46 -1.41
CA GLU A 11 -18.10 -9.45 -0.37
C GLU A 11 -16.85 -10.25 -0.69
N LYS A 12 -16.65 -10.57 -1.96
CA LYS A 12 -15.46 -11.32 -2.36
C LYS A 12 -14.23 -10.46 -2.12
N MET A 13 -14.39 -9.15 -2.25
CA MET A 13 -13.27 -8.23 -2.02
C MET A 13 -12.97 -8.13 -0.53
N ARG A 14 -13.99 -8.30 0.32
CA ARG A 14 -13.78 -8.26 1.76
C ARG A 14 -12.94 -9.46 2.16
N VAL A 15 -13.25 -10.61 1.56
CA VAL A 15 -12.53 -11.85 1.85
C VAL A 15 -11.07 -11.72 1.43
N ALA A 16 -10.86 -11.28 0.20
CA ALA A 16 -9.51 -11.11 -0.35
C ALA A 16 -8.75 -10.04 0.41
N GLY A 17 -9.45 -8.97 0.77
CA GLY A 17 -8.81 -7.88 1.50
C GLY A 17 -8.38 -8.31 2.88
N ARG A 18 -9.22 -9.10 3.55
CA ARG A 18 -8.90 -9.59 4.88
C ARG A 18 -7.66 -10.48 4.83
N LEU A 19 -7.59 -11.33 3.81
CA LEU A 19 -6.45 -12.23 3.65
C LEU A 19 -5.15 -11.44 3.50
N ALA A 20 -5.18 -10.44 2.63
CA ALA A 20 -3.99 -9.62 2.40
C ALA A 20 -3.55 -8.98 3.72
N ALA A 21 -4.50 -8.45 4.48
CA ALA A 21 -4.20 -7.81 5.75
C ALA A 21 -3.64 -8.82 6.75
N GLU A 22 -4.17 -10.04 6.72
CA GLU A 22 -3.71 -11.07 7.64
C GLU A 22 -2.29 -11.56 7.35
N VAL A 23 -1.83 -11.38 6.11
CA VAL A 23 -0.47 -11.78 5.80
C VAL A 23 0.44 -10.82 6.58
N LEU A 24 0.08 -9.54 6.61
CA LEU A 24 0.87 -8.54 7.33
C LEU A 24 0.82 -8.76 8.84
N GLU A 25 -0.33 -9.16 9.36
CA GLU A 25 -0.46 -9.41 10.79
C GLU A 25 0.32 -10.67 11.17
N MET A 26 0.37 -11.62 10.24
CA MET A 26 1.09 -12.86 10.47
C MET A 26 2.61 -12.69 10.49
N ILE A 27 3.12 -11.92 9.54
CA ILE A 27 4.56 -11.72 9.40
C ILE A 27 5.22 -10.86 10.48
N GLU A 28 4.42 -10.01 11.13
CA GLU A 28 4.91 -9.12 12.18
C GLU A 28 5.98 -9.67 13.13
N PRO A 29 5.69 -10.78 13.83
CA PRO A 29 6.68 -11.36 14.76
C PRO A 29 8.01 -11.78 14.16
N TYR A 30 8.06 -11.91 12.85
CA TYR A 30 9.28 -12.32 12.16
C TYR A 30 10.16 -11.18 11.72
N VAL A 31 9.60 -9.97 11.65
CA VAL A 31 10.38 -8.82 11.22
C VAL A 31 11.29 -8.40 12.37
N LYS A 32 12.46 -9.04 12.43
CA LYS A 32 13.45 -8.81 13.48
C LYS A 32 14.84 -8.58 12.93
N PRO A 33 15.72 -7.96 13.74
CA PRO A 33 17.08 -7.73 13.28
C PRO A 33 17.70 -9.10 12.99
N GLY A 34 18.40 -9.22 11.86
CA GLY A 34 19.03 -10.48 11.52
C GLY A 34 18.30 -11.36 10.52
N VAL A 35 16.99 -11.16 10.37
CA VAL A 35 16.21 -11.97 9.44
C VAL A 35 16.46 -11.47 8.00
N SER A 36 16.49 -12.39 7.04
CA SER A 36 16.69 -12.02 5.64
C SER A 36 15.34 -11.72 5.00
N THR A 37 15.32 -10.84 4.00
CA THR A 37 14.07 -10.52 3.35
C THR A 37 13.62 -11.73 2.52
N GLY A 38 14.57 -12.55 2.09
CA GLY A 38 14.23 -13.74 1.34
C GLY A 38 13.41 -14.68 2.22
N GLU A 39 13.80 -14.78 3.48
CA GLU A 39 13.08 -15.64 4.42
C GLU A 39 11.65 -15.13 4.66
N LEU A 40 11.51 -13.82 4.81
CA LEU A 40 10.20 -13.24 5.04
C LEU A 40 9.27 -13.54 3.88
N ASP A 41 9.81 -13.52 2.66
CA ASP A 41 9.02 -13.80 1.46
C ASP A 41 8.55 -15.25 1.44
N ARG A 42 9.42 -16.18 1.81
CA ARG A 42 9.05 -17.59 1.82
C ARG A 42 7.97 -17.83 2.86
N ILE A 43 8.09 -17.17 4.01
CA ILE A 43 7.09 -17.32 5.06
C ILE A 43 5.74 -16.84 4.55
N CYS A 44 5.75 -15.69 3.88
CA CYS A 44 4.53 -15.11 3.33
C CYS A 44 3.92 -16.00 2.25
N ASN A 45 4.74 -16.48 1.32
CA ASN A 45 4.21 -17.31 0.25
C ASN A 45 3.64 -18.62 0.78
N ASP A 46 4.36 -19.27 1.69
CA ASP A 46 3.87 -20.52 2.24
C ASP A 46 2.51 -20.29 2.92
N TYR A 47 2.40 -19.16 3.60
CA TYR A 47 1.16 -18.82 4.30
C TYR A 47 0.03 -18.62 3.29
N ILE A 48 0.29 -17.78 2.29
CA ILE A 48 -0.69 -17.49 1.26
C ILE A 48 -1.17 -18.75 0.55
N VAL A 49 -0.24 -19.61 0.16
CA VAL A 49 -0.58 -20.83 -0.55
C VAL A 49 -1.17 -21.96 0.30
N ASN A 50 -0.43 -22.37 1.33
CA ASN A 50 -0.87 -23.48 2.18
C ASN A 50 -1.97 -23.20 3.19
N GLU A 51 -2.01 -22.00 3.75
CA GLU A 51 -3.04 -21.70 4.74
C GLU A 51 -4.23 -20.91 4.22
N GLN A 52 -3.98 -19.85 3.45
CA GLN A 52 -5.09 -19.06 2.92
C GLN A 52 -5.66 -19.68 1.65
N HIS A 53 -4.92 -20.61 1.05
CA HIS A 53 -5.38 -21.25 -0.19
C HIS A 53 -5.69 -20.18 -1.22
N ALA A 54 -4.78 -19.20 -1.31
CA ALA A 54 -4.91 -18.09 -2.25
C ALA A 54 -3.63 -18.07 -3.07
N VAL A 55 -3.44 -17.02 -3.86
CA VAL A 55 -2.24 -16.90 -4.68
C VAL A 55 -1.73 -15.47 -4.71
N SER A 56 -0.40 -15.32 -4.73
CA SER A 56 0.21 -14.01 -4.80
C SER A 56 0.03 -13.44 -6.20
N ALA A 57 -0.47 -12.21 -6.29
CA ALA A 57 -0.66 -11.56 -7.58
C ALA A 57 0.66 -10.99 -8.10
N CYS A 58 1.69 -10.96 -7.25
CA CYS A 58 2.99 -10.45 -7.64
C CYS A 58 3.89 -11.50 -8.31
N LEU A 59 3.77 -12.75 -7.89
CA LEU A 59 4.59 -13.81 -8.46
C LEU A 59 4.33 -14.01 -9.95
N GLY A 60 5.35 -13.72 -10.76
CA GLY A 60 5.20 -13.87 -12.20
C GLY A 60 4.75 -12.61 -12.91
N TYR A 61 4.19 -11.67 -12.14
CA TYR A 61 3.69 -10.41 -12.69
C TYR A 61 4.81 -9.61 -13.35
N HIS A 62 4.75 -9.51 -14.68
CA HIS A 62 5.76 -8.83 -15.47
C HIS A 62 7.11 -9.50 -15.23
N GLY A 63 7.07 -10.76 -14.80
CA GLY A 63 8.28 -11.50 -14.55
C GLY A 63 8.83 -11.39 -13.13
N TYR A 64 8.14 -10.67 -12.25
CA TYR A 64 8.61 -10.52 -10.88
C TYR A 64 8.81 -11.93 -10.31
N PRO A 65 9.99 -12.18 -9.71
CA PRO A 65 10.37 -13.48 -9.13
C PRO A 65 9.89 -13.88 -7.73
N LYS A 66 9.34 -12.94 -6.97
CA LYS A 66 8.90 -13.25 -5.60
C LYS A 66 7.41 -13.05 -5.35
N SER A 67 6.97 -13.37 -4.13
CA SER A 67 5.56 -13.28 -3.77
C SER A 67 5.10 -11.95 -3.19
N VAL A 68 6.01 -11.27 -2.51
CA VAL A 68 5.69 -9.96 -1.95
C VAL A 68 6.88 -9.06 -2.22
N CYS A 69 6.66 -7.76 -2.13
CA CYS A 69 7.74 -6.81 -2.34
C CYS A 69 8.18 -6.34 -0.97
N ILE A 70 9.49 -6.30 -0.75
CA ILE A 70 10.00 -5.86 0.54
C ILE A 70 11.03 -4.78 0.24
N SER A 71 10.71 -3.58 0.67
CA SER A 71 11.57 -2.41 0.43
C SER A 71 12.09 -1.82 1.74
N ILE A 72 13.42 -1.68 1.80
CA ILE A 72 14.12 -1.16 2.98
C ILE A 72 14.71 0.24 2.83
N ASN A 73 14.49 1.08 3.82
CA ASN A 73 15.03 2.43 3.88
C ASN A 73 14.95 3.31 2.63
N GLU A 74 16.06 3.48 1.90
CA GLU A 74 16.02 4.34 0.71
C GLU A 74 15.28 3.72 -0.48
N VAL A 75 14.97 2.42 -0.40
CA VAL A 75 14.25 1.75 -1.47
C VAL A 75 12.80 2.22 -1.42
N VAL A 76 12.30 2.76 -2.53
CA VAL A 76 10.94 3.28 -2.59
C VAL A 76 9.89 2.20 -2.77
N CYS A 77 10.16 1.26 -3.67
CA CYS A 77 9.21 0.18 -3.92
C CYS A 77 9.83 -0.93 -4.75
N HIS A 78 9.09 -2.02 -4.87
CA HIS A 78 9.49 -3.19 -5.64
C HIS A 78 10.79 -3.84 -5.20
N GLY A 79 11.16 -3.66 -3.93
CA GLY A 79 12.37 -4.30 -3.43
C GLY A 79 12.18 -5.81 -3.57
N ILE A 80 13.24 -6.49 -4.01
CA ILE A 80 13.17 -7.94 -4.21
C ILE A 80 13.70 -8.76 -3.03
N PRO A 81 12.86 -9.63 -2.45
CA PRO A 81 13.29 -10.45 -1.33
C PRO A 81 14.57 -11.18 -1.72
N ASP A 82 15.56 -11.20 -0.83
CA ASP A 82 16.85 -11.82 -1.12
C ASP A 82 17.40 -12.45 0.16
N ASP A 83 17.91 -13.67 0.07
CA ASP A 83 18.44 -14.36 1.24
C ASP A 83 19.65 -13.67 1.84
N ALA A 84 20.32 -12.85 1.04
CA ALA A 84 21.52 -12.16 1.49
C ALA A 84 21.28 -10.79 2.14
N LYS A 85 20.05 -10.27 2.03
CA LYS A 85 19.74 -8.96 2.60
C LYS A 85 19.13 -9.13 3.98
N LEU A 86 19.88 -8.73 4.99
CA LEU A 86 19.45 -8.86 6.37
C LEU A 86 18.93 -7.57 6.97
N LEU A 87 17.85 -7.67 7.72
CA LEU A 87 17.29 -6.48 8.37
C LEU A 87 18.19 -6.17 9.57
N LYS A 88 18.17 -4.91 10.02
CA LYS A 88 18.99 -4.50 11.15
C LYS A 88 18.29 -3.40 11.92
N ASP A 89 18.72 -3.20 13.16
CA ASP A 89 18.15 -2.17 14.01
C ASP A 89 18.10 -0.84 13.29
N GLY A 90 16.97 -0.15 13.44
CA GLY A 90 16.79 1.14 12.84
C GLY A 90 16.19 1.15 11.45
N ASP A 91 16.17 0.00 10.79
CA ASP A 91 15.61 -0.10 9.44
C ASP A 91 14.11 0.16 9.42
N ILE A 92 13.63 0.79 8.34
CA ILE A 92 12.21 0.95 8.18
C ILE A 92 11.99 0.04 6.98
N VAL A 93 10.97 -0.80 7.05
CA VAL A 93 10.74 -1.75 5.96
C VAL A 93 9.28 -1.84 5.58
N ASN A 94 9.03 -1.81 4.27
CA ASN A 94 7.67 -1.94 3.78
C ASN A 94 7.49 -3.33 3.19
N ILE A 95 6.41 -4.00 3.56
CA ILE A 95 6.12 -5.30 2.97
C ILE A 95 4.79 -5.06 2.28
N ASP A 96 4.77 -5.27 0.97
CA ASP A 96 3.57 -5.03 0.18
C ASP A 96 3.02 -6.37 -0.29
N VAL A 97 1.75 -6.60 0.00
CA VAL A 97 1.07 -7.86 -0.32
C VAL A 97 -0.17 -7.71 -1.20
N THR A 98 -0.32 -8.63 -2.15
CA THR A 98 -1.51 -8.64 -2.98
C THR A 98 -1.86 -10.10 -3.20
N VAL A 99 -3.04 -10.50 -2.72
CA VAL A 99 -3.46 -11.89 -2.87
C VAL A 99 -4.71 -11.95 -3.73
N ILE A 100 -4.88 -13.07 -4.42
CA ILE A 100 -6.05 -13.27 -5.26
C ILE A 100 -6.79 -14.44 -4.63
N LYS A 101 -8.09 -14.25 -4.38
CA LYS A 101 -8.90 -15.30 -3.79
C LYS A 101 -10.29 -15.27 -4.40
N ASP A 102 -10.71 -16.40 -4.95
CA ASP A 102 -12.01 -16.50 -5.56
C ASP A 102 -12.16 -15.49 -6.69
N GLY A 103 -11.04 -15.18 -7.34
CA GLY A 103 -11.04 -14.25 -8.46
C GLY A 103 -10.82 -12.78 -8.14
N PHE A 104 -10.83 -12.41 -6.86
CA PHE A 104 -10.64 -11.00 -6.51
C PHE A 104 -9.36 -10.70 -5.75
N HIS A 105 -8.83 -9.50 -5.97
CA HIS A 105 -7.60 -9.04 -5.36
C HIS A 105 -7.73 -8.24 -4.07
N GLY A 106 -6.78 -8.45 -3.17
CA GLY A 106 -6.71 -7.73 -1.90
C GLY A 106 -5.31 -7.12 -1.95
N ASP A 107 -5.21 -5.80 -1.84
CA ASP A 107 -3.92 -5.12 -1.94
C ASP A 107 -3.63 -4.22 -0.73
N THR A 108 -2.53 -4.48 -0.04
CA THR A 108 -2.18 -3.69 1.14
C THR A 108 -0.72 -3.79 1.52
N SER A 109 -0.20 -2.76 2.19
CA SER A 109 1.19 -2.76 2.64
C SER A 109 1.30 -1.91 3.89
N LYS A 110 2.36 -2.12 4.65
CA LYS A 110 2.59 -1.31 5.84
C LYS A 110 4.07 -1.20 6.09
N MET A 111 4.45 -0.24 6.91
CA MET A 111 5.83 -0.05 7.28
C MET A 111 6.03 -0.76 8.61
N PHE A 112 7.23 -1.30 8.79
CA PHE A 112 7.63 -1.98 10.03
C PHE A 112 8.95 -1.33 10.43
N ILE A 113 9.13 -1.03 11.71
CA ILE A 113 10.40 -0.47 12.15
C ILE A 113 11.10 -1.63 12.86
N VAL A 114 12.33 -1.90 12.43
CA VAL A 114 13.11 -3.00 12.97
C VAL A 114 13.95 -2.66 14.20
N GLY A 115 13.77 -3.44 15.25
CA GLY A 115 14.53 -3.22 16.47
C GLY A 115 14.41 -1.80 17.00
N LYS A 116 15.53 -1.25 17.43
CA LYS A 116 15.57 0.12 17.96
C LYS A 116 15.28 1.09 16.83
N PRO A 117 14.18 1.84 16.95
CA PRO A 117 13.82 2.81 15.91
C PRO A 117 14.67 4.07 15.91
N THR A 118 14.69 4.75 14.77
CA THR A 118 15.41 6.00 14.65
C THR A 118 14.27 7.02 14.62
N ILE A 119 14.47 8.18 15.21
CA ILE A 119 13.43 9.17 15.23
C ILE A 119 12.94 9.59 13.84
N MET A 120 13.88 9.80 12.92
CA MET A 120 13.53 10.23 11.58
C MET A 120 12.74 9.16 10.87
N GLY A 121 13.08 7.92 11.16
CA GLY A 121 12.39 6.80 10.55
C GLY A 121 10.95 6.74 11.01
N GLU A 122 10.75 6.84 12.33
CA GLU A 122 9.41 6.81 12.90
C GLU A 122 8.56 7.96 12.37
N ARG A 123 9.17 9.14 12.27
CA ARG A 123 8.44 10.31 11.77
C ARG A 123 7.99 10.13 10.34
N LEU A 124 8.90 9.70 9.47
CA LEU A 124 8.56 9.51 8.07
C LEU A 124 7.41 8.51 7.93
N CYS A 125 7.47 7.41 8.68
CA CYS A 125 6.41 6.41 8.61
C CYS A 125 5.10 6.95 9.16
N ARG A 126 5.16 7.67 10.28
CA ARG A 126 3.96 8.22 10.90
C ARG A 126 3.24 9.19 9.95
N ILE A 127 4.01 10.12 9.38
CA ILE A 127 3.46 11.11 8.45
C ILE A 127 2.89 10.41 7.22
N THR A 128 3.54 9.37 6.74
CA THR A 128 3.04 8.67 5.57
C THR A 128 1.71 8.00 5.89
N GLN A 129 1.63 7.30 7.01
CA GLN A 129 0.36 6.65 7.37
C GLN A 129 -0.70 7.72 7.56
N GLU A 130 -0.33 8.85 8.16
CA GLU A 130 -1.26 9.93 8.39
C GLU A 130 -1.77 10.51 7.06
N SER A 131 -0.93 10.52 6.03
CA SER A 131 -1.36 11.04 4.73
C SER A 131 -2.37 10.06 4.13
N LEU A 132 -2.20 8.77 4.41
CA LEU A 132 -3.14 7.77 3.90
C LEU A 132 -4.47 7.93 4.63
N TYR A 133 -4.40 8.08 5.96
CA TYR A 133 -5.60 8.24 6.78
C TYR A 133 -6.42 9.48 6.43
N LEU A 134 -5.75 10.62 6.21
CA LEU A 134 -6.49 11.83 5.88
C LEU A 134 -7.20 11.63 4.54
N ALA A 135 -6.55 10.91 3.62
CA ALA A 135 -7.16 10.64 2.32
C ALA A 135 -8.39 9.76 2.51
N LEU A 136 -8.25 8.73 3.34
CA LEU A 136 -9.36 7.82 3.60
C LEU A 136 -10.57 8.55 4.18
N ARG A 137 -10.31 9.50 5.07
CA ARG A 137 -11.40 10.25 5.69
C ARG A 137 -12.15 11.16 4.70
N MET A 138 -11.57 11.36 3.53
CA MET A 138 -12.18 12.19 2.50
C MET A 138 -13.06 11.42 1.52
N VAL A 139 -12.87 10.10 1.46
CA VAL A 139 -13.62 9.27 0.53
C VAL A 139 -15.12 9.17 0.79
N LYS A 140 -15.91 9.54 -0.20
CA LYS A 140 -17.37 9.48 -0.13
C LYS A 140 -17.90 9.83 -1.51
N PRO A 141 -19.14 9.41 -1.82
CA PRO A 141 -19.72 9.73 -3.13
C PRO A 141 -19.67 11.23 -3.44
N GLY A 142 -19.36 11.58 -4.69
CA GLY A 142 -19.34 12.98 -5.08
C GLY A 142 -18.01 13.69 -5.01
N ILE A 143 -17.11 13.20 -4.17
CA ILE A 143 -15.79 13.82 -4.02
C ILE A 143 -14.95 13.46 -5.24
N ASN A 144 -14.07 14.36 -5.65
CA ASN A 144 -13.21 14.12 -6.80
C ASN A 144 -11.85 13.59 -6.31
N LEU A 145 -11.31 12.61 -7.02
CA LEU A 145 -10.02 12.05 -6.62
C LEU A 145 -8.94 13.12 -6.64
N ARG A 146 -9.12 14.14 -7.47
CA ARG A 146 -8.12 15.21 -7.52
C ARG A 146 -8.02 15.90 -6.17
N GLU A 147 -9.16 16.10 -5.51
CA GLU A 147 -9.17 16.74 -4.19
C GLU A 147 -8.35 15.95 -3.17
N ILE A 148 -8.48 14.62 -3.23
CA ILE A 148 -7.77 13.74 -2.31
C ILE A 148 -6.27 13.78 -2.61
N GLY A 149 -5.93 13.74 -3.90
CA GLY A 149 -4.53 13.80 -4.28
C GLY A 149 -3.89 15.09 -3.81
N ALA A 150 -4.59 16.20 -4.03
CA ALA A 150 -4.10 17.51 -3.63
C ALA A 150 -3.90 17.60 -2.11
N ALA A 151 -4.83 17.03 -1.36
CA ALA A 151 -4.77 17.06 0.09
C ALA A 151 -3.58 16.26 0.62
N ILE A 152 -3.33 15.11 0.01
CA ILE A 152 -2.21 14.28 0.42
C ILE A 152 -0.92 15.07 0.22
N GLN A 153 -0.77 15.63 -0.98
CA GLN A 153 0.42 16.40 -1.32
C GLN A 153 0.63 17.60 -0.38
N LYS A 154 -0.41 18.37 -0.12
CA LYS A 154 -0.28 19.53 0.75
C LYS A 154 0.20 19.11 2.14
N PHE A 155 -0.41 18.07 2.69
CA PHE A 155 -0.03 17.57 4.01
C PHE A 155 1.44 17.12 4.05
N VAL A 156 1.81 16.26 3.12
CA VAL A 156 3.17 15.73 3.05
C VAL A 156 4.23 16.80 2.86
N GLU A 157 4.01 17.72 1.92
CA GLU A 157 4.98 18.77 1.67
C GLU A 157 5.14 19.74 2.84
N ALA A 158 4.06 19.97 3.59
CA ALA A 158 4.12 20.87 4.73
C ALA A 158 5.06 20.29 5.80
N GLU A 159 5.24 18.98 5.79
CA GLU A 159 6.13 18.33 6.76
C GLU A 159 7.57 18.26 6.27
N GLY A 160 7.84 18.84 5.10
CA GLY A 160 9.17 18.84 4.56
C GLY A 160 9.52 17.59 3.78
N PHE A 161 8.50 16.81 3.45
CA PHE A 161 8.70 15.57 2.69
C PHE A 161 8.14 15.76 1.27
N SER A 162 8.31 14.74 0.44
CA SER A 162 7.82 14.80 -0.94
C SER A 162 7.03 13.56 -1.33
N VAL A 163 6.21 13.70 -2.36
CA VAL A 163 5.40 12.58 -2.85
C VAL A 163 5.95 12.05 -4.17
N VAL A 164 6.11 10.74 -4.27
CA VAL A 164 6.60 10.12 -5.50
C VAL A 164 5.51 10.23 -6.56
N ARG A 165 5.88 10.72 -7.74
CA ARG A 165 4.93 10.93 -8.82
C ARG A 165 4.75 9.75 -9.78
N GLU A 166 5.79 8.93 -9.88
CA GLU A 166 5.81 7.77 -10.79
C GLU A 166 4.74 6.71 -10.54
N TYR A 167 4.36 6.52 -9.29
CA TYR A 167 3.37 5.51 -8.97
C TYR A 167 2.10 6.07 -8.36
N CYS A 168 1.02 5.31 -8.43
CA CYS A 168 -0.26 5.76 -7.90
C CYS A 168 -1.16 4.61 -7.44
N GLY A 169 -2.23 4.98 -6.76
CA GLY A 169 -3.21 4.00 -6.30
C GLY A 169 -3.98 3.60 -7.54
N HIS A 170 -4.91 2.66 -7.41
CA HIS A 170 -5.62 2.18 -8.59
C HIS A 170 -6.88 1.41 -8.27
N GLY A 171 -7.75 1.32 -9.29
CA GLY A 171 -8.96 0.55 -9.13
C GLY A 171 -8.46 -0.88 -8.99
N ILE A 172 -9.27 -1.74 -8.41
CA ILE A 172 -8.86 -3.12 -8.20
C ILE A 172 -10.09 -4.02 -8.11
N GLY A 173 -9.96 -5.26 -8.54
CA GLY A 173 -11.09 -6.19 -8.49
C GLY A 173 -10.64 -7.53 -9.04
N ARG A 174 -11.19 -7.92 -10.19
CA ARG A 174 -10.78 -9.18 -10.80
C ARG A 174 -9.42 -8.94 -11.42
N GLY A 175 -9.07 -7.66 -11.57
CA GLY A 175 -7.79 -7.28 -12.12
C GLY A 175 -6.95 -6.63 -11.03
N PHE A 176 -5.64 -6.84 -11.07
CA PHE A 176 -4.73 -6.26 -10.09
C PHE A 176 -4.85 -4.74 -10.13
N HIS A 177 -4.59 -4.17 -11.30
CA HIS A 177 -4.67 -2.73 -11.49
C HIS A 177 -5.73 -2.37 -12.53
N GLU A 178 -6.78 -1.69 -12.08
CA GLU A 178 -7.86 -1.30 -12.97
C GLU A 178 -8.06 0.21 -12.88
N GLU A 179 -8.96 0.75 -13.69
CA GLU A 179 -9.25 2.17 -13.64
C GLU A 179 -10.00 2.38 -12.33
N PRO A 180 -9.89 3.58 -11.73
CA PRO A 180 -9.12 4.74 -12.19
C PRO A 180 -7.74 4.79 -11.56
N GLN A 181 -6.93 5.74 -12.00
CA GLN A 181 -5.60 5.94 -11.42
C GLN A 181 -5.86 6.84 -10.21
N VAL A 182 -5.16 6.59 -9.11
CA VAL A 182 -5.33 7.41 -7.91
C VAL A 182 -4.01 8.08 -7.56
N LEU A 183 -3.77 9.23 -8.19
CA LEU A 183 -2.54 9.98 -7.94
C LEU A 183 -2.57 10.57 -6.55
N HIS A 184 -1.42 10.58 -5.88
CA HIS A 184 -1.36 11.12 -4.53
C HIS A 184 -0.85 12.58 -4.52
N TYR A 185 -1.20 13.32 -5.57
CA TYR A 185 -0.79 14.72 -5.73
C TYR A 185 -1.73 15.37 -6.70
N ASP A 186 -1.70 16.70 -6.76
CA ASP A 186 -2.60 17.45 -7.61
C ASP A 186 -2.23 17.33 -9.07
N SER A 187 -3.23 17.06 -9.89
CA SER A 187 -3.02 16.96 -11.33
C SER A 187 -4.25 17.42 -12.09
N ARG A 188 -4.01 18.23 -13.12
CA ARG A 188 -5.10 18.72 -13.96
C ARG A 188 -5.72 17.59 -14.81
N GLU A 189 -5.03 16.45 -14.87
CA GLU A 189 -5.54 15.32 -15.64
C GLU A 189 -6.54 14.49 -14.84
N THR A 190 -6.62 14.76 -13.54
CA THR A 190 -7.50 14.01 -12.66
C THR A 190 -8.89 14.63 -12.52
N ASN A 191 -9.89 13.87 -12.94
CA ASN A 191 -11.28 14.32 -12.82
C ASN A 191 -12.17 13.08 -12.71
N VAL A 192 -12.13 12.44 -11.54
CA VAL A 192 -12.91 11.24 -11.30
C VAL A 192 -13.78 11.47 -10.08
N VAL A 193 -15.10 11.47 -10.28
CA VAL A 193 -16.05 11.68 -9.20
C VAL A 193 -16.44 10.31 -8.63
N LEU A 194 -16.23 10.12 -7.33
CA LEU A 194 -16.53 8.86 -6.69
C LEU A 194 -18.01 8.48 -6.60
N LYS A 195 -18.27 7.18 -6.75
CA LYS A 195 -19.61 6.61 -6.70
C LYS A 195 -19.57 5.39 -5.79
N PRO A 196 -20.71 5.07 -5.13
CA PRO A 196 -20.76 3.92 -4.25
C PRO A 196 -20.48 2.66 -5.07
N GLY A 197 -19.77 1.70 -4.50
CA GLY A 197 -19.49 0.47 -5.21
C GLY A 197 -18.10 0.44 -5.83
N MET A 198 -17.46 1.60 -5.98
CA MET A 198 -16.12 1.63 -6.56
C MET A 198 -15.11 1.08 -5.55
N THR A 199 -14.17 0.28 -6.02
CA THR A 199 -13.14 -0.26 -5.14
C THR A 199 -11.78 0.14 -5.72
N PHE A 200 -10.92 0.69 -4.87
CA PHE A 200 -9.60 1.11 -5.33
C PHE A 200 -8.67 1.19 -4.15
N THR A 201 -7.39 1.46 -4.44
CA THR A 201 -6.39 1.55 -3.38
C THR A 201 -5.88 2.98 -3.25
N ILE A 202 -5.32 3.27 -2.10
CA ILE A 202 -4.68 4.56 -1.84
C ILE A 202 -3.35 4.07 -1.26
N GLU A 203 -2.23 4.49 -1.83
CA GLU A 203 -0.94 4.00 -1.39
C GLU A 203 0.19 4.99 -1.63
N PRO A 204 0.15 6.12 -0.93
CA PRO A 204 1.20 7.13 -1.12
C PRO A 204 2.61 6.67 -0.78
N MET A 205 3.56 7.07 -1.63
CA MET A 205 4.98 6.79 -1.43
C MET A 205 5.57 8.16 -1.09
N VAL A 206 6.12 8.28 0.11
CA VAL A 206 6.66 9.55 0.58
C VAL A 206 8.15 9.50 0.85
N ASN A 207 8.89 10.45 0.30
CA ASN A 207 10.34 10.52 0.49
C ASN A 207 10.68 11.59 1.53
N ALA A 208 11.67 11.30 2.37
CA ALA A 208 12.09 12.26 3.39
C ALA A 208 12.79 13.42 2.69
N GLY A 209 13.41 13.12 1.55
CA GLY A 209 14.11 14.14 0.78
C GLY A 209 13.38 14.56 -0.47
N LYS A 210 14.10 14.60 -1.59
CA LYS A 210 13.53 15.01 -2.88
C LYS A 210 12.65 13.91 -3.48
N LYS A 211 11.70 14.31 -4.33
CA LYS A 211 10.78 13.38 -4.96
C LYS A 211 11.35 12.46 -6.03
N GLU A 212 12.41 12.90 -6.71
CA GLU A 212 13.01 12.10 -7.76
C GLU A 212 13.44 10.70 -7.33
N ILE A 213 13.17 9.71 -8.20
CA ILE A 213 13.54 8.34 -7.91
C ILE A 213 14.40 7.77 -9.03
N ARG A 214 14.89 6.55 -8.83
CA ARG A 214 15.76 5.90 -9.80
C ARG A 214 15.56 4.39 -9.75
N THR A 215 15.63 3.74 -10.91
CA THR A 215 15.47 2.29 -10.96
C THR A 215 16.84 1.65 -11.12
N MET A 216 17.14 0.66 -10.28
CA MET A 216 18.42 -0.02 -10.30
C MET A 216 18.54 -0.89 -11.55
N LYS A 217 19.75 -1.35 -11.84
CA LYS A 217 19.96 -2.16 -13.02
C LYS A 217 19.48 -3.60 -12.89
N ASP A 218 18.90 -3.94 -11.75
CA ASP A 218 18.37 -5.29 -11.58
C ASP A 218 16.98 -5.33 -12.21
N GLY A 219 16.55 -4.17 -12.71
CA GLY A 219 15.27 -4.06 -13.38
C GLY A 219 14.02 -3.98 -12.52
N TRP A 220 14.19 -3.94 -11.20
CA TRP A 220 13.05 -3.90 -10.28
C TRP A 220 13.13 -2.88 -9.15
N THR A 221 14.25 -2.91 -8.44
CA THR A 221 14.43 -2.01 -7.30
C THR A 221 14.42 -0.53 -7.63
N VAL A 222 13.50 0.19 -7.00
CA VAL A 222 13.36 1.63 -7.18
C VAL A 222 13.84 2.30 -5.90
N LYS A 223 14.76 3.26 -6.03
CA LYS A 223 15.29 3.97 -4.87
C LYS A 223 15.17 5.48 -5.07
N THR A 224 15.31 6.22 -3.98
CA THR A 224 15.27 7.69 -4.05
C THR A 224 16.57 8.13 -4.73
N LYS A 225 16.48 9.12 -5.60
CA LYS A 225 17.67 9.61 -6.29
C LYS A 225 18.71 10.15 -5.31
N ASP A 226 18.23 10.78 -4.23
CA ASP A 226 19.13 11.36 -3.24
C ASP A 226 19.44 10.43 -2.06
N ARG A 227 18.98 9.17 -2.16
CA ARG A 227 19.21 8.17 -1.13
C ARG A 227 18.56 8.49 0.21
N SER A 228 17.55 9.34 0.21
CA SER A 228 16.84 9.66 1.44
C SER A 228 15.86 8.53 1.71
N LEU A 229 15.33 8.48 2.92
CA LEU A 229 14.38 7.43 3.27
C LEU A 229 13.06 7.61 2.52
N SER A 230 12.37 6.50 2.28
CA SER A 230 11.08 6.54 1.60
C SER A 230 10.13 5.58 2.32
N ALA A 231 8.87 5.97 2.47
CA ALA A 231 7.89 5.15 3.16
C ALA A 231 6.56 5.06 2.40
N GLN A 232 5.83 3.98 2.67
CA GLN A 232 4.56 3.75 2.01
C GLN A 232 3.64 2.90 2.85
N TYR A 233 2.34 3.20 2.76
CA TYR A 233 1.28 2.43 3.44
C TYR A 233 0.19 2.35 2.38
N GLU A 234 -0.53 1.23 2.36
CA GLU A 234 -1.57 1.02 1.37
C GLU A 234 -2.76 0.28 1.95
N HIS A 235 -3.95 0.68 1.51
CA HIS A 235 -5.19 0.03 1.90
C HIS A 235 -6.10 -0.06 0.69
N THR A 236 -6.93 -1.09 0.66
CA THR A 236 -7.90 -1.29 -0.41
C THR A 236 -9.22 -0.92 0.23
N ILE A 237 -10.02 -0.13 -0.47
CA ILE A 237 -11.31 0.32 0.07
C ILE A 237 -12.44 0.24 -0.93
N VAL A 238 -13.66 0.34 -0.43
CA VAL A 238 -14.85 0.34 -1.27
C VAL A 238 -15.66 1.59 -0.87
N VAL A 239 -16.14 2.33 -1.85
CA VAL A 239 -16.93 3.52 -1.56
C VAL A 239 -18.33 3.06 -1.20
N THR A 240 -18.88 3.64 -0.15
CA THR A 240 -20.22 3.30 0.31
C THR A 240 -21.15 4.49 0.07
N ASP A 241 -22.41 4.38 0.48
CA ASP A 241 -23.35 5.48 0.27
C ASP A 241 -23.03 6.71 1.09
N ASN A 242 -22.42 6.52 2.25
CA ASN A 242 -22.10 7.64 3.11
C ASN A 242 -20.61 7.82 3.42
N GLY A 243 -19.75 7.11 2.71
CA GLY A 243 -18.32 7.23 2.94
C GLY A 243 -17.56 6.09 2.31
N CYS A 244 -16.89 5.29 3.13
CA CYS A 244 -16.14 4.16 2.60
C CYS A 244 -15.93 3.07 3.66
N GLU A 245 -15.49 1.91 3.18
CA GLU A 245 -15.21 0.79 4.06
C GLU A 245 -13.82 0.30 3.70
N ILE A 246 -12.93 0.25 4.68
CA ILE A 246 -11.57 -0.20 4.46
C ILE A 246 -11.61 -1.72 4.49
N LEU A 247 -11.17 -2.36 3.40
CA LEU A 247 -11.21 -3.82 3.31
C LEU A 247 -9.96 -4.53 3.82
N THR A 248 -8.86 -3.81 3.96
CA THR A 248 -7.60 -4.41 4.42
C THR A 248 -7.18 -3.89 5.81
N LEU A 249 -8.16 -3.53 6.62
CA LEU A 249 -7.87 -3.02 7.96
C LEU A 249 -7.18 -4.08 8.82
N ARG A 250 -6.24 -3.65 9.65
CA ARG A 250 -5.51 -4.54 10.56
C ARG A 250 -5.77 -4.13 12.00
N LYS A 251 -5.41 -5.01 12.92
CA LYS A 251 -5.58 -4.76 14.35
C LYS A 251 -4.84 -3.49 14.78
N ASP A 252 -3.67 -3.26 14.18
CA ASP A 252 -2.87 -2.09 14.54
C ASP A 252 -3.33 -0.77 13.93
N ASP A 253 -4.22 -0.82 12.93
CA ASP A 253 -4.72 0.42 12.34
C ASP A 253 -5.45 1.19 13.42
N THR A 254 -5.43 2.51 13.34
CA THR A 254 -6.09 3.34 14.33
C THR A 254 -7.17 4.25 13.74
N ILE A 255 -7.78 3.76 12.66
CA ILE A 255 -8.86 4.46 11.97
C ILE A 255 -9.97 3.41 11.84
N PRO A 256 -11.25 3.83 11.97
CA PRO A 256 -12.38 2.90 11.86
C PRO A 256 -12.46 2.19 10.51
N ALA A 257 -12.92 0.94 10.50
CA ALA A 257 -13.05 0.20 9.25
C ALA A 257 -14.13 0.85 8.38
N ILE A 258 -15.22 1.26 9.00
CA ILE A 258 -16.32 1.89 8.28
C ILE A 258 -16.39 3.36 8.65
N ILE A 259 -16.20 4.23 7.66
CA ILE A 259 -16.23 5.67 7.87
C ILE A 259 -17.53 6.22 7.30
N SER A 260 -18.27 6.94 8.12
CA SER A 260 -19.54 7.52 7.69
C SER A 260 -19.53 9.03 7.78
N HIS A 261 -20.17 9.68 6.81
CA HIS A 261 -20.21 11.14 6.77
C HIS A 261 -21.63 11.71 6.91
N ASP A 262 -22.60 10.82 7.15
CA ASP A 262 -24.00 11.23 7.32
C ASP A 262 -24.27 11.61 8.76
N GLU A 263 -25.37 12.32 8.96
CA GLU A 263 -25.78 12.75 10.27
C GLU A 263 -26.73 11.71 10.87
MN MN B . -1.54 -1.25 -5.15
MN MN C . 0.41 -3.20 -3.03
NA NA D . 11.88 2.69 1.88
CAL B21 E . 5.59 -6.76 -9.17
OAP B21 E . 5.32 -5.46 -8.64
CAH B21 E . 4.97 -4.60 -9.63
CAK B21 E . 5.59 -4.66 -10.87
CAI B21 E . 5.24 -3.77 -11.88
CAJ B21 E . 4.25 -2.82 -11.65
CAG B21 E . 3.63 -2.76 -10.41
CAF B21 E . 3.99 -3.64 -9.41
CAB B21 E . 3.36 -3.54 -8.16
OAM B21 E . 2.19 -2.84 -8.03
CAD B21 E . 3.75 -3.96 -6.97
CAC B21 E . 2.88 -3.54 -6.05
CAA B21 E . 1.92 -2.87 -6.70
CAE B21 E . 0.73 -2.16 -6.06
OAO B21 E . -0.08 -1.59 -6.83
OAN B21 E . 0.62 -2.19 -4.81
#